data_4L52
#
_entry.id   4L52
#
_cell.length_a   58.160
_cell.length_b   133.784
_cell.length_c   142.237
_cell.angle_alpha   90.00
_cell.angle_beta   90.00
_cell.angle_gamma   90.00
#
_symmetry.space_group_name_H-M   'I 2 2 2'
#
loop_
_entity.id
_entity.type
_entity.pdbx_description
1 polymer 'Mitogen-activated protein kinase kinase kinase 7, TGF-beta-activated kinase 1 and MAP3K7-binding protein 1 chimera'
2 non-polymer 1-(4-{4-[7-amino-2-(1,2,3-benzothiadiazol-7-yl)furo[2,3-c]pyridin-4-yl]-1H-pyrazol-1-yl}piperidin-1-yl)ethanone
3 water water
#
_entity_poly.entity_id   1
_entity_poly.type   'polypeptide(L)'
_entity_poly.pdbx_seq_one_letter_code
;GSLHMIDYKEIEVEEVVGRGAFGVVCKAKWRAKDVAIKQIESESERKAFIVELRQLSRVNHPNIVKLYGACLNPVCLVME
YAEGGSLYNVLHGAEPLPYYTAAHAMSWCLQCSQGVAYLHSMQPKALIHRDLKPPNLLLVAGGTVLKICDFGTACDIQTH
MTNNKGSAAWMAPEVFEGSNYSEKCDVFSWGIILWEVITRRKPFDEIGGPAFRIMWAVHNGTRPPLIKNLPKPIESLMTR
CWSKDPSQRPSMEEIVKIMTHLMRYFPGADEPLQYPCQHSLPPGEDGRVEPYVDFAEFYRLWSVDHG
;
_entity_poly.pdbx_strand_id   A
#
# COMPACT_ATOMS: atom_id res chain seq x y z
N GLY A 1 23.78 5.66 -4.10
CA GLY A 1 24.05 4.49 -3.23
C GLY A 1 24.95 4.87 -2.07
N SER A 2 24.38 5.60 -1.10
CA SER A 2 25.09 5.97 0.12
C SER A 2 24.11 6.07 1.27
N LEU A 3 24.61 5.84 2.49
CA LEU A 3 23.75 5.93 3.67
C LEU A 3 24.35 6.90 4.67
N HIS A 4 23.55 7.89 5.06
CA HIS A 4 23.89 8.79 6.15
C HIS A 4 23.95 7.95 7.41
N MET A 5 24.94 8.21 8.24
CA MET A 5 25.19 7.43 9.44
C MET A 5 24.75 8.21 10.66
N ILE A 6 24.15 7.50 11.60
CA ILE A 6 23.55 8.09 12.79
C ILE A 6 24.14 7.41 14.01
N ASP A 7 24.45 8.17 15.06
CA ASP A 7 24.81 7.53 16.32
C ASP A 7 23.52 7.18 17.06
N TYR A 8 23.40 5.91 17.43
CA TYR A 8 22.23 5.40 18.13
C TYR A 8 22.01 6.10 19.49
N LYS A 9 23.10 6.47 20.15
CA LYS A 9 23.04 7.15 21.45
C LYS A 9 22.34 8.49 21.42
N GLU A 10 22.26 9.12 20.24
CA GLU A 10 21.56 10.39 20.05
C GLU A 10 20.09 10.22 19.60
N ILE A 11 19.57 9.00 19.69
CA ILE A 11 18.15 8.73 19.42
C ILE A 11 17.46 8.38 20.73
N GLU A 12 16.26 8.93 20.94
CA GLU A 12 15.41 8.58 22.08
C GLU A 12 14.20 7.78 21.60
N VAL A 13 14.23 6.47 21.84
CA VAL A 13 13.20 5.55 21.37
C VAL A 13 11.94 5.61 22.25
N GLU A 14 10.79 5.34 21.64
CA GLU A 14 9.48 5.49 22.27
C GLU A 14 8.60 4.27 21.91
N GLU A 15 7.28 4.40 22.03
CA GLU A 15 6.38 3.25 21.87
C GLU A 15 6.39 2.60 20.49
N VAL A 16 6.09 1.30 20.47
CA VAL A 16 6.01 0.52 19.24
C VAL A 16 4.83 1.02 18.44
N VAL A 17 5.05 1.12 17.14
CA VAL A 17 3.99 1.54 16.23
C VAL A 17 3.78 0.55 15.08
N GLY A 18 4.72 -0.39 14.87
CA GLY A 18 4.64 -1.33 13.76
C GLY A 18 5.56 -2.52 13.84
N ARG A 19 5.25 -3.53 13.02
CA ARG A 19 6.10 -4.72 12.85
C ARG A 19 5.92 -5.24 11.43
N GLY A 20 6.97 -5.17 10.63
CA GLY A 20 6.91 -5.61 9.24
C GLY A 20 7.25 -7.08 9.09
N ALA A 21 7.86 -7.42 7.95
CA ALA A 21 8.36 -8.77 7.68
C ALA A 21 9.30 -9.24 8.80
N PHE A 22 10.20 -8.34 9.21
CA PHE A 22 11.08 -8.59 10.35
C PHE A 22 11.39 -7.28 11.11
N GLY A 23 11.76 -7.43 12.36
CA GLY A 23 12.07 -6.30 13.21
C GLY A 23 10.82 -5.65 13.78
N VAL A 24 10.99 -4.44 14.27
CA VAL A 24 9.98 -3.73 15.04
C VAL A 24 10.19 -2.25 14.76
N VAL A 25 9.11 -1.50 14.52
CA VAL A 25 9.23 -0.07 14.28
C VAL A 25 8.71 0.71 15.48
N CYS A 26 9.41 1.79 15.83
CA CYS A 26 9.02 2.61 16.97
C CYS A 26 8.97 4.09 16.64
N LYS A 27 8.08 4.78 17.33
CA LYS A 27 8.11 6.24 17.39
C LYS A 27 9.38 6.62 18.15
N ALA A 28 10.05 7.69 17.71
CA ALA A 28 11.28 8.15 18.36
C ALA A 28 11.60 9.61 18.02
N LYS A 29 12.58 10.15 18.75
CA LYS A 29 13.09 11.50 18.50
C LYS A 29 14.56 11.42 18.10
N TRP A 30 15.00 12.36 17.26
CA TRP A 30 16.40 12.41 16.80
C TRP A 30 16.77 13.79 16.26
N ARG A 31 17.69 14.48 16.96
CA ARG A 31 18.00 15.89 16.70
C ARG A 31 16.71 16.73 16.70
N ALA A 32 15.96 16.62 17.80
CA ALA A 32 14.67 17.31 17.96
C ALA A 32 13.65 17.01 16.83
N LYS A 33 13.81 15.89 16.14
CA LYS A 33 12.94 15.54 15.01
C LYS A 33 12.08 14.34 15.40
N ASP A 34 10.81 14.39 15.05
CA ASP A 34 9.93 13.22 15.14
C ASP A 34 10.33 12.23 14.05
N VAL A 35 10.35 10.96 14.42
CA VAL A 35 11.09 9.95 13.66
C VAL A 35 10.54 8.54 13.90
N ALA A 36 10.68 7.68 12.89
CA ALA A 36 10.41 6.26 13.04
C ALA A 36 11.72 5.50 12.89
N ILE A 37 11.92 4.46 13.69
CA ILE A 37 13.09 3.58 13.54
C ILE A 37 12.67 2.13 13.62
N LYS A 38 13.28 1.28 12.81
CA LYS A 38 13.13 -0.16 13.02
C LYS A 38 14.44 -0.76 13.54
N GLN A 39 14.30 -1.69 14.46
CA GLN A 39 15.42 -2.37 15.11
C GLN A 39 15.31 -3.86 14.86
N ILE A 40 16.41 -4.57 15.08
CA ILE A 40 16.37 -6.03 15.14
C ILE A 40 15.89 -6.44 16.52
N GLU A 41 14.85 -7.29 16.58
CA GLU A 41 14.40 -7.87 17.85
C GLU A 41 15.34 -9.01 18.28
N SER A 42 16.03 -9.58 17.30
CA SER A 42 16.88 -10.73 17.49
C SER A 42 18.15 -10.61 16.64
N GLU A 43 19.28 -11.06 17.18
CA GLU A 43 20.55 -11.06 16.46
C GLU A 43 20.49 -11.85 15.13
N SER A 44 19.60 -12.83 15.06
CA SER A 44 19.40 -13.64 13.87
C SER A 44 18.90 -12.86 12.66
N GLU A 45 18.25 -11.73 12.90
CA GLU A 45 17.73 -10.88 11.83
C GLU A 45 18.80 -9.92 11.24
N ARG A 46 20.04 -9.98 11.72
CA ARG A 46 21.10 -9.07 11.25
C ARG A 46 21.24 -9.05 9.73
N LYS A 47 21.25 -10.25 9.12
CA LYS A 47 21.54 -10.40 7.68
C LYS A 47 20.48 -9.83 6.73
N ALA A 48 19.20 -10.15 6.97
CA ALA A 48 18.10 -9.63 6.14
C ALA A 48 18.03 -8.11 6.22
N PHE A 49 18.27 -7.61 7.42
CA PHE A 49 18.29 -6.17 7.76
C PHE A 49 19.40 -5.40 7.03
N ILE A 50 20.49 -6.08 6.69
CA ILE A 50 21.62 -5.47 5.98
C ILE A 50 21.27 -5.35 4.49
N VAL A 51 20.62 -6.38 3.95
CA VAL A 51 20.20 -6.38 2.55
C VAL A 51 19.21 -5.25 2.29
N GLU A 52 18.27 -5.06 3.21
CA GLU A 52 17.30 -3.98 3.09
C GLU A 52 17.96 -2.58 3.04
N LEU A 53 19.04 -2.38 3.79
CA LEU A 53 19.81 -1.12 3.73
C LEU A 53 20.47 -0.94 2.36
N ARG A 54 21.00 -2.03 1.79
CA ARG A 54 21.69 -1.98 0.50
C ARG A 54 20.73 -1.64 -0.63
N GLN A 55 19.47 -2.06 -0.49
CA GLN A 55 18.41 -1.67 -1.43
C GLN A 55 17.97 -0.23 -1.15
N LEU A 56 17.55 0.05 0.07
CA LEU A 56 17.11 1.42 0.46
C LEU A 56 18.17 2.52 0.24
N SER A 57 19.46 2.15 0.21
CA SER A 57 20.52 3.12 -0.13
C SER A 57 20.41 3.58 -1.58
N ARG A 58 19.88 2.70 -2.43
CA ARG A 58 19.74 2.98 -3.87
C ARG A 58 18.41 3.67 -4.23
N VAL A 59 17.35 3.42 -3.47
CA VAL A 59 16.04 3.99 -3.83
C VAL A 59 15.94 5.45 -3.42
N ASN A 60 15.11 6.17 -4.15
CA ASN A 60 14.90 7.58 -3.91
C ASN A 60 13.74 8.08 -4.78
N HIS A 61 12.60 8.34 -4.15
CA HIS A 61 11.39 8.61 -4.87
C HIS A 61 10.36 9.19 -3.90
N PRO A 62 9.51 10.12 -4.38
CA PRO A 62 8.51 10.78 -3.51
C PRO A 62 7.51 9.87 -2.81
N ASN A 63 7.23 8.71 -3.38
CA ASN A 63 6.24 7.79 -2.84
C ASN A 63 6.89 6.57 -2.18
N ILE A 64 8.13 6.75 -1.76
CA ILE A 64 8.82 5.76 -0.94
C ILE A 64 9.31 6.44 0.32
N VAL A 65 9.20 5.72 1.42
CA VAL A 65 9.49 6.30 2.73
C VAL A 65 10.93 6.81 2.81
N LYS A 66 11.08 8.07 3.23
CA LYS A 66 12.39 8.70 3.38
C LYS A 66 13.18 8.03 4.51
N LEU A 67 14.25 7.34 4.12
CA LEU A 67 15.25 6.87 5.08
C LEU A 67 16.21 8.02 5.37
N TYR A 68 16.11 8.65 6.54
CA TYR A 68 17.07 9.70 6.95
C TYR A 68 18.49 9.15 7.02
N GLY A 69 18.70 8.17 7.89
CA GLY A 69 20.01 7.55 8.04
C GLY A 69 19.93 6.16 8.62
N ALA A 70 21.07 5.63 9.03
CA ALA A 70 21.15 4.30 9.62
C ALA A 70 22.21 4.25 10.68
N CYS A 71 22.33 3.09 11.33
CA CYS A 71 23.43 2.86 12.26
C CYS A 71 23.74 1.38 12.39
N LEU A 72 24.98 1.07 12.77
CA LEU A 72 25.39 -0.31 13.03
C LEU A 72 25.79 -0.55 14.48
N ASN A 73 25.77 0.50 15.32
CA ASN A 73 26.16 0.38 16.75
C ASN A 73 25.36 -0.77 17.38
N PRO A 74 24.03 -0.60 17.57
CA PRO A 74 23.10 -1.67 17.21
C PRO A 74 22.45 -1.34 15.84
N VAL A 75 22.23 -2.34 14.99
CA VAL A 75 21.81 -2.08 13.62
C VAL A 75 20.35 -1.59 13.53
N CYS A 76 20.14 -0.45 12.88
CA CYS A 76 18.82 0.17 12.84
C CYS A 76 18.71 1.21 11.74
N LEU A 77 17.47 1.42 11.26
CA LEU A 77 17.15 2.38 10.19
C LEU A 77 16.34 3.53 10.76
N VAL A 78 16.65 4.77 10.37
CA VAL A 78 15.93 5.96 10.84
C VAL A 78 15.12 6.59 9.70
N MET A 79 13.79 6.51 9.81
CA MET A 79 12.88 7.01 8.77
C MET A 79 12.09 8.21 9.24
N GLU A 80 11.38 8.81 8.27
CA GLU A 80 10.42 9.85 8.57
C GLU A 80 9.24 9.26 9.33
N TYR A 81 8.56 10.11 10.09
CA TYR A 81 7.44 9.68 10.88
C TYR A 81 6.12 9.97 10.17
N ALA A 82 5.45 8.92 9.72
CA ALA A 82 4.14 9.03 9.11
C ALA A 82 3.13 9.33 10.21
N GLU A 83 2.75 10.60 10.32
CA GLU A 83 1.83 11.06 11.37
C GLU A 83 0.53 10.29 11.28
N GLY A 84 0.10 10.00 10.05
CA GLY A 84 -1.15 9.27 9.78
C GLY A 84 -1.05 7.79 10.06
N GLY A 85 0.19 7.31 10.08
CA GLY A 85 0.43 5.90 10.29
C GLY A 85 -0.02 5.18 9.04
N SER A 86 -0.46 3.96 9.25
CA SER A 86 -0.74 2.99 8.20
C SER A 86 -1.97 3.34 7.39
N LEU A 87 -1.98 3.04 6.09
CA LEU A 87 -3.22 3.13 5.32
C LEU A 87 -4.23 2.18 5.91
N TYR A 88 -3.77 1.02 6.39
CA TYR A 88 -4.67 0.03 6.98
C TYR A 88 -5.42 0.64 8.16
N ASN A 89 -4.70 1.43 8.93
CA ASN A 89 -5.28 2.07 10.09
C ASN A 89 -6.33 3.12 9.69
N VAL A 90 -6.04 3.88 8.64
CA VAL A 90 -6.94 4.92 8.18
C VAL A 90 -8.24 4.33 7.70
N LEU A 91 -8.13 3.21 6.99
CA LEU A 91 -9.28 2.55 6.43
C LEU A 91 -10.09 1.83 7.48
N HIS A 92 -9.40 1.09 8.35
CA HIS A 92 -10.07 0.08 9.17
C HIS A 92 -9.77 0.18 10.64
N GLY A 93 -8.92 1.13 11.02
CA GLY A 93 -8.39 1.21 12.37
C GLY A 93 -9.40 1.69 13.37
N ALA A 94 -8.90 2.09 14.53
CA ALA A 94 -9.77 2.53 15.61
C ALA A 94 -10.46 3.88 15.31
N GLU A 95 -11.62 4.04 15.94
CA GLU A 95 -12.43 5.21 15.78
C GLU A 95 -11.87 6.32 16.65
N PRO A 96 -12.05 7.58 16.21
CA PRO A 96 -12.84 7.94 15.04
C PRO A 96 -12.04 7.74 13.75
N LEU A 97 -12.70 7.21 12.74
CA LEU A 97 -12.11 7.08 11.43
C LEU A 97 -12.33 8.35 10.63
N PRO A 98 -11.38 8.72 9.76
CA PRO A 98 -11.54 9.91 8.96
C PRO A 98 -12.43 9.68 7.74
N TYR A 99 -13.16 10.70 7.34
CA TYR A 99 -13.88 10.69 6.08
C TYR A 99 -12.83 10.84 4.97
N TYR A 100 -13.08 10.17 3.84
CA TYR A 100 -12.28 10.37 2.64
C TYR A 100 -13.13 10.20 1.37
N THR A 101 -12.61 10.77 0.28
CA THR A 101 -13.32 10.92 -0.96
C THR A 101 -12.81 9.94 -2.00
N ALA A 102 -13.60 9.72 -3.05
CA ALA A 102 -13.13 8.98 -4.23
C ALA A 102 -11.80 9.51 -4.67
N ALA A 103 -11.66 10.84 -4.60
CA ALA A 103 -10.46 11.49 -5.10
C ALA A 103 -9.27 11.04 -4.28
N HIS A 104 -9.46 10.93 -2.98
CA HIS A 104 -8.43 10.41 -2.10
C HIS A 104 -8.10 8.98 -2.45
N ALA A 105 -9.15 8.18 -2.69
CA ALA A 105 -8.97 6.77 -2.94
C ALA A 105 -8.09 6.55 -4.15
N MET A 106 -8.44 7.20 -5.26
CA MET A 106 -7.67 7.08 -6.48
C MET A 106 -6.26 7.71 -6.30
N SER A 107 -6.16 8.82 -5.60
CA SER A 107 -4.85 9.46 -5.48
C SER A 107 -3.85 8.56 -4.76
N TRP A 108 -4.36 7.86 -3.76
CA TRP A 108 -3.58 6.91 -2.99
C TRP A 108 -3.03 5.79 -3.89
N CYS A 109 -3.91 5.17 -4.66
CA CYS A 109 -3.51 4.13 -5.59
C CYS A 109 -2.55 4.64 -6.68
N LEU A 110 -2.82 5.82 -7.20
CA LEU A 110 -1.92 6.40 -8.18
C LEU A 110 -0.54 6.48 -7.56
N GLN A 111 -0.48 6.99 -6.33
CA GLN A 111 0.83 7.25 -5.71
C GLN A 111 1.60 5.98 -5.42
N CYS A 112 0.86 4.93 -5.10
CA CYS A 112 1.41 3.61 -4.83
C CYS A 112 2.02 3.02 -6.11
N SER A 113 1.27 3.11 -7.20
CA SER A 113 1.72 2.59 -8.48
C SER A 113 2.91 3.36 -9.00
N GLN A 114 2.93 4.67 -8.81
CA GLN A 114 4.12 5.48 -9.07
C GLN A 114 5.34 4.98 -8.28
N GLY A 115 5.14 4.67 -7.00
CA GLY A 115 6.23 4.13 -6.17
C GLY A 115 6.73 2.77 -6.65
N VAL A 116 5.81 1.86 -6.95
CA VAL A 116 6.18 0.51 -7.40
C VAL A 116 6.77 0.52 -8.81
N ALA A 117 6.26 1.41 -9.65
CA ALA A 117 6.76 1.52 -11.01
C ALA A 117 8.22 1.87 -10.95
N TYR A 118 8.56 2.77 -10.03
CA TYR A 118 9.96 3.16 -9.84
C TYR A 118 10.78 1.95 -9.48
N LEU A 119 10.30 1.16 -8.53
CA LEU A 119 10.99 -0.06 -8.09
C LEU A 119 11.21 -1.03 -9.25
N HIS A 120 10.14 -1.21 -10.03
CA HIS A 120 10.15 -2.14 -11.16
C HIS A 120 11.09 -1.69 -12.27
N SER A 121 11.42 -0.41 -12.29
CA SER A 121 12.27 0.17 -13.33
C SER A 121 13.74 0.20 -12.94
N MET A 122 14.01 -0.12 -11.69
CA MET A 122 15.38 -0.17 -11.15
C MET A 122 16.38 -0.91 -12.04
N GLN A 123 17.58 -0.35 -12.13
CA GLN A 123 18.72 -1.01 -12.78
C GLN A 123 19.82 -1.28 -11.74
N PRO A 124 20.63 -2.33 -11.96
CA PRO A 124 20.59 -3.34 -13.02
C PRO A 124 19.39 -4.31 -12.97
N LYS A 125 18.77 -4.47 -11.80
CA LYS A 125 17.68 -5.44 -11.63
C LYS A 125 16.49 -4.81 -10.92
N ALA A 126 15.30 -5.14 -11.43
CA ALA A 126 14.07 -4.61 -10.88
C ALA A 126 13.91 -5.10 -9.45
N LEU A 127 13.44 -4.22 -8.56
CA LEU A 127 13.01 -4.64 -7.23
C LEU A 127 11.54 -4.95 -7.24
N ILE A 128 11.19 -6.15 -6.81
CA ILE A 128 9.79 -6.51 -6.61
C ILE A 128 9.49 -6.33 -5.12
N HIS A 129 8.36 -5.71 -4.82
CA HIS A 129 8.00 -5.46 -3.42
C HIS A 129 7.66 -6.77 -2.70
N ARG A 130 6.79 -7.56 -3.32
N ARG A 130 6.81 -7.58 -3.33
CA ARG A 130 6.40 -8.90 -2.84
CA ARG A 130 6.36 -8.90 -2.84
C ARG A 130 5.35 -8.88 -1.72
C ARG A 130 5.25 -8.84 -1.79
N ASP A 131 5.21 -7.76 -1.02
CA ASP A 131 4.31 -7.68 0.12
C ASP A 131 3.46 -6.41 0.15
N LEU A 132 2.94 -6.01 -1.00
CA LEU A 132 2.06 -4.83 -1.05
C LEU A 132 0.73 -5.06 -0.36
N LYS A 133 0.42 -4.19 0.59
CA LYS A 133 -0.78 -4.26 1.37
C LYS A 133 -0.86 -3.01 2.26
N PRO A 134 -2.07 -2.58 2.59
CA PRO A 134 -2.23 -1.33 3.31
C PRO A 134 -1.40 -1.14 4.60
N PRO A 135 -1.15 -2.21 5.37
CA PRO A 135 -0.22 -2.10 6.51
C PRO A 135 1.19 -1.59 6.19
N ASN A 136 1.64 -1.76 4.94
CA ASN A 136 2.94 -1.27 4.46
C ASN A 136 2.87 0.08 3.77
N LEU A 137 1.67 0.62 3.59
CA LEU A 137 1.46 1.92 2.92
C LEU A 137 1.20 2.96 3.99
N LEU A 138 2.15 3.90 4.13
CA LEU A 138 2.09 4.97 5.11
C LEU A 138 1.63 6.26 4.50
N LEU A 139 0.92 7.08 5.28
CA LEU A 139 0.41 8.38 4.83
C LEU A 139 1.06 9.58 5.55
N VAL A 140 1.32 10.64 4.77
CA VAL A 140 1.84 11.89 5.31
C VAL A 140 1.06 13.10 4.79
N ALA A 141 1.52 14.29 5.14
CA ALA A 141 0.94 15.53 4.64
C ALA A 141 -0.59 15.57 4.78
N GLY A 142 -1.08 15.23 5.97
CA GLY A 142 -2.52 15.23 6.25
C GLY A 142 -3.36 14.17 5.54
N GLY A 143 -2.78 13.00 5.27
CA GLY A 143 -3.49 11.89 4.63
C GLY A 143 -3.37 11.97 3.13
N THR A 144 -2.57 12.94 2.67
CA THR A 144 -2.57 13.35 1.27
C THR A 144 -1.54 12.59 0.43
N VAL A 145 -0.42 12.27 1.05
CA VAL A 145 0.69 11.71 0.32
C VAL A 145 0.90 10.33 0.86
N LEU A 146 1.00 9.37 -0.04
CA LEU A 146 1.24 7.97 0.34
C LEU A 146 2.67 7.52 0.04
N LYS A 147 3.21 6.69 0.93
CA LYS A 147 4.59 6.27 0.89
C LYS A 147 4.66 4.81 1.20
N ILE A 148 5.49 4.10 0.44
CA ILE A 148 5.69 2.66 0.57
C ILE A 148 6.86 2.39 1.50
N CYS A 149 6.79 1.28 2.22
CA CYS A 149 7.89 0.80 3.05
C CYS A 149 7.87 -0.74 3.15
N ASP A 150 8.85 -1.35 3.80
CA ASP A 150 8.85 -2.81 4.04
C ASP A 150 8.96 -3.68 2.78
N PHE A 151 9.67 -3.17 1.78
CA PHE A 151 9.70 -3.80 0.44
C PHE A 151 10.97 -4.64 0.18
N GLY A 152 11.00 -5.31 -0.97
CA GLY A 152 12.14 -6.14 -1.39
C GLY A 152 12.34 -7.32 -0.46
N THR A 153 11.24 -7.83 0.09
CA THR A 153 11.28 -8.78 1.21
C THR A 153 10.86 -10.19 0.78
N GLY A 166 -0.07 -12.28 7.86
CA GLY A 166 -1.44 -11.90 7.48
C GLY A 166 -1.47 -11.22 6.15
N SER A 167 -0.77 -11.79 5.18
CA SER A 167 -0.57 -11.17 3.89
C SER A 167 -1.45 -11.77 2.76
N ALA A 168 -2.05 -12.93 3.03
CA ALA A 168 -2.69 -13.76 2.01
C ALA A 168 -3.78 -13.07 1.20
N ALA A 169 -4.50 -12.13 1.82
CA ALA A 169 -5.57 -11.43 1.12
C ALA A 169 -5.09 -10.57 -0.04
N TRP A 170 -3.80 -10.22 -0.06
CA TRP A 170 -3.22 -9.41 -1.14
C TRP A 170 -2.16 -10.12 -1.98
N MET A 171 -2.05 -11.45 -1.84
CA MET A 171 -0.98 -12.19 -2.47
C MET A 171 -1.43 -12.79 -3.78
N ALA A 172 -0.66 -12.53 -4.84
CA ALA A 172 -0.89 -13.16 -6.13
C ALA A 172 -0.82 -14.70 -6.02
N PRO A 173 -1.78 -15.43 -6.62
CA PRO A 173 -1.83 -16.88 -6.45
C PRO A 173 -0.58 -17.66 -6.85
N GLU A 174 0.19 -17.16 -7.81
CA GLU A 174 1.42 -17.84 -8.24
C GLU A 174 2.52 -17.72 -7.20
N VAL A 175 2.42 -16.77 -6.29
CA VAL A 175 3.42 -16.57 -5.28
C VAL A 175 3.27 -17.67 -4.26
N PHE A 176 2.10 -17.74 -3.62
CA PHE A 176 1.89 -18.74 -2.56
C PHE A 176 1.79 -20.16 -3.07
N GLU A 177 1.57 -20.35 -4.38
CA GLU A 177 1.73 -21.69 -4.97
C GLU A 177 3.22 -22.05 -5.15
N GLY A 178 4.10 -21.17 -4.67
CA GLY A 178 5.54 -21.44 -4.65
C GLY A 178 6.20 -21.31 -6.01
N SER A 179 5.38 -21.13 -7.04
CA SER A 179 5.87 -21.16 -8.42
C SER A 179 6.65 -19.89 -8.77
N ASN A 180 7.10 -19.83 -10.03
CA ASN A 180 7.81 -18.67 -10.55
C ASN A 180 6.88 -17.48 -10.55
N TYR A 181 7.42 -16.33 -10.16
CA TYR A 181 6.67 -15.09 -10.19
C TYR A 181 7.55 -13.94 -10.68
N SER A 182 6.97 -12.73 -10.76
CA SER A 182 7.66 -11.55 -11.31
C SER A 182 7.10 -10.24 -10.74
N GLU A 183 7.49 -9.11 -11.33
CA GLU A 183 6.86 -7.80 -11.08
C GLU A 183 5.34 -7.89 -11.00
N LYS A 184 4.75 -8.80 -11.75
CA LYS A 184 3.30 -8.82 -11.87
C LYS A 184 2.56 -9.18 -10.57
N CYS A 185 3.25 -9.78 -9.60
CA CYS A 185 2.62 -10.11 -8.33
C CYS A 185 2.24 -8.83 -7.59
N ASP A 186 3.08 -7.81 -7.70
CA ASP A 186 2.74 -6.49 -7.16
C ASP A 186 1.50 -5.87 -7.78
N VAL A 187 1.23 -6.18 -9.05
CA VAL A 187 0.07 -5.61 -9.77
C VAL A 187 -1.23 -6.24 -9.24
N PHE A 188 -1.18 -7.54 -8.99
CA PHE A 188 -2.28 -8.19 -8.37
C PHE A 188 -2.61 -7.53 -7.05
N SER A 189 -1.59 -7.37 -6.20
CA SER A 189 -1.77 -6.75 -4.89
C SER A 189 -2.44 -5.39 -5.04
N TRP A 190 -1.99 -4.67 -6.03
CA TRP A 190 -2.44 -3.32 -6.21
C TRP A 190 -3.91 -3.31 -6.61
N GLY A 191 -4.28 -4.24 -7.47
CA GLY A 191 -5.69 -4.45 -7.85
C GLY A 191 -6.57 -4.65 -6.63
N ILE A 192 -6.08 -5.43 -5.67
CA ILE A 192 -6.81 -5.71 -4.43
C ILE A 192 -6.93 -4.44 -3.56
N ILE A 193 -5.86 -3.67 -3.49
CA ILE A 193 -5.87 -2.46 -2.69
C ILE A 193 -6.89 -1.47 -3.26
N LEU A 194 -6.90 -1.34 -4.58
CA LEU A 194 -7.88 -0.47 -5.27
C LEU A 194 -9.31 -0.78 -4.79
N TRP A 195 -9.66 -2.05 -4.84
CA TRP A 195 -10.93 -2.50 -4.36
C TRP A 195 -11.16 -2.08 -2.93
N GLU A 196 -10.10 -2.22 -2.12
CA GLU A 196 -10.18 -2.02 -0.68
C GLU A 196 -10.48 -0.56 -0.34
N VAL A 197 -9.82 0.38 -1.03
CA VAL A 197 -10.01 1.79 -0.70
C VAL A 197 -11.36 2.32 -1.25
N ILE A 198 -11.77 1.81 -2.40
CA ILE A 198 -13.10 2.14 -2.92
C ILE A 198 -14.25 1.64 -2.03
N THR A 199 -14.11 0.43 -1.49
CA THR A 199 -15.14 -0.17 -0.63
C THR A 199 -14.95 0.07 0.88
N ARG A 200 -13.73 0.41 1.28
CA ARG A 200 -13.35 0.44 2.71
C ARG A 200 -13.75 -0.84 3.41
N ARG A 201 -13.54 -1.98 2.73
CA ARG A 201 -13.75 -3.31 3.32
C ARG A 201 -12.46 -4.10 3.28
N LYS A 202 -12.26 -4.96 4.28
CA LYS A 202 -11.10 -5.85 4.31
C LYS A 202 -11.32 -6.97 3.33
N PRO A 203 -10.39 -7.16 2.38
CA PRO A 203 -10.62 -8.23 1.42
C PRO A 203 -10.63 -9.60 2.08
N PHE A 204 -11.63 -10.40 1.72
CA PHE A 204 -11.80 -11.76 2.22
C PHE A 204 -11.97 -11.81 3.73
N ASP A 205 -12.68 -10.81 4.25
CA ASP A 205 -12.96 -10.78 5.66
C ASP A 205 -13.94 -11.88 6.02
N GLU A 206 -14.93 -12.13 5.16
CA GLU A 206 -16.00 -13.11 5.48
C GLU A 206 -15.55 -14.56 5.30
N ILE A 207 -14.45 -14.78 4.57
CA ILE A 207 -13.85 -16.12 4.47
C ILE A 207 -13.28 -16.54 5.82
N GLY A 208 -12.20 -15.89 6.24
CA GLY A 208 -11.64 -16.16 7.55
C GLY A 208 -11.05 -17.55 7.72
N GLY A 209 -11.07 -18.04 8.95
CA GLY A 209 -10.16 -19.12 9.34
C GLY A 209 -8.73 -18.64 9.13
N PRO A 210 -7.78 -19.57 9.11
CA PRO A 210 -6.38 -19.24 8.77
C PRO A 210 -6.14 -18.86 7.30
N ALA A 211 -4.93 -18.41 7.01
CA ALA A 211 -4.58 -17.90 5.69
C ALA A 211 -4.79 -18.93 4.58
N PHE A 212 -4.55 -20.21 4.87
CA PHE A 212 -4.69 -21.25 3.85
C PHE A 212 -6.13 -21.32 3.26
N ARG A 213 -7.14 -20.85 4.00
CA ARG A 213 -8.51 -20.85 3.48
C ARG A 213 -8.64 -19.78 2.41
N ILE A 214 -7.94 -18.67 2.57
CA ILE A 214 -7.95 -17.60 1.59
C ILE A 214 -7.12 -18.00 0.39
N MET A 215 -5.99 -18.65 0.65
CA MET A 215 -5.16 -19.16 -0.42
C MET A 215 -5.93 -20.15 -1.28
N TRP A 216 -6.58 -21.12 -0.66
CA TRP A 216 -7.39 -22.05 -1.44
C TRP A 216 -8.44 -21.30 -2.24
N ALA A 217 -9.10 -20.33 -1.61
CA ALA A 217 -10.16 -19.59 -2.25
C ALA A 217 -9.66 -18.93 -3.53
N VAL A 218 -8.65 -18.07 -3.35
CA VAL A 218 -8.03 -17.27 -4.41
C VAL A 218 -7.44 -18.14 -5.53
N HIS A 219 -6.66 -19.15 -5.14
CA HIS A 219 -6.17 -20.16 -6.06
C HIS A 219 -7.28 -20.73 -6.96
N ASN A 220 -8.45 -20.99 -6.39
CA ASN A 220 -9.58 -21.61 -7.11
C ASN A 220 -10.45 -20.61 -7.88
N GLY A 221 -10.06 -19.35 -7.86
CA GLY A 221 -10.68 -18.36 -8.72
C GLY A 221 -11.32 -17.21 -7.99
N THR A 222 -11.50 -17.33 -6.68
CA THR A 222 -12.26 -16.36 -5.89
C THR A 222 -11.62 -14.96 -5.87
N ARG A 223 -12.43 -13.94 -6.09
CA ARG A 223 -11.97 -12.54 -6.01
C ARG A 223 -12.95 -11.74 -5.20
N PRO A 224 -12.58 -10.51 -4.81
CA PRO A 224 -13.51 -9.70 -4.07
C PRO A 224 -14.71 -9.41 -4.92
N PRO A 225 -15.87 -9.20 -4.29
CA PRO A 225 -17.07 -8.92 -5.07
C PRO A 225 -16.95 -7.66 -5.90
N LEU A 226 -17.74 -7.61 -6.96
CA LEU A 226 -17.86 -6.43 -7.79
C LEU A 226 -18.61 -5.34 -7.03
N ILE A 227 -18.47 -4.11 -7.51
CA ILE A 227 -18.87 -2.91 -6.78
C ILE A 227 -19.99 -2.18 -7.52
N LYS A 228 -21.15 -2.05 -6.88
CA LYS A 228 -22.28 -1.36 -7.48
C LYS A 228 -21.85 0.00 -8.04
N ASN A 229 -22.09 0.22 -9.33
CA ASN A 229 -21.96 1.54 -9.93
C ASN A 229 -20.51 1.99 -10.12
N LEU A 230 -19.59 1.03 -10.12
CA LEU A 230 -18.19 1.34 -10.35
C LEU A 230 -18.03 1.70 -11.83
N PRO A 231 -17.39 2.82 -12.13
CA PRO A 231 -17.14 3.13 -13.53
C PRO A 231 -16.33 2.06 -14.24
N LYS A 232 -16.75 1.73 -15.45
CA LYS A 232 -16.16 0.63 -16.21
C LYS A 232 -14.67 0.76 -16.51
N PRO A 233 -14.20 1.96 -16.83
CA PRO A 233 -12.74 2.13 -16.97
C PRO A 233 -11.97 1.60 -15.77
N ILE A 234 -12.50 1.85 -14.58
CA ILE A 234 -11.83 1.48 -13.35
C ILE A 234 -12.02 -0.01 -13.03
N GLU A 235 -13.22 -0.50 -13.29
CA GLU A 235 -13.53 -1.90 -13.15
C GLU A 235 -12.66 -2.76 -14.07
N SER A 236 -12.56 -2.40 -15.35
CA SER A 236 -11.70 -3.18 -16.24
C SER A 236 -10.26 -3.17 -15.75
N LEU A 237 -9.78 -2.04 -15.24
CA LEU A 237 -8.39 -1.99 -14.73
C LEU A 237 -8.22 -2.94 -13.53
N MET A 238 -9.09 -2.76 -12.56
CA MET A 238 -9.03 -3.53 -11.34
C MET A 238 -9.03 -5.01 -11.65
N THR A 239 -9.94 -5.44 -12.52
CA THR A 239 -10.10 -6.87 -12.77
C THR A 239 -9.03 -7.47 -13.69
N ARG A 240 -8.43 -6.65 -14.56
CA ARG A 240 -7.21 -7.05 -15.29
C ARG A 240 -6.06 -7.29 -14.33
N CYS A 241 -5.94 -6.41 -13.33
CA CYS A 241 -4.92 -6.56 -12.29
C CYS A 241 -5.05 -7.89 -11.51
N TRP A 242 -6.26 -8.46 -11.44
CA TRP A 242 -6.54 -9.69 -10.67
C TRP A 242 -6.40 -10.98 -11.48
N SER A 243 -6.08 -10.90 -12.75
CA SER A 243 -6.09 -12.10 -13.60
C SER A 243 -5.25 -13.23 -13.03
N LYS A 244 -5.79 -14.45 -13.09
CA LYS A 244 -5.00 -15.61 -12.70
C LYS A 244 -3.65 -15.53 -13.41
N ASP A 245 -3.73 -15.34 -14.73
CA ASP A 245 -2.56 -15.36 -15.57
C ASP A 245 -1.80 -14.04 -15.43
N PRO A 246 -0.57 -14.07 -14.90
CA PRO A 246 0.23 -12.85 -14.71
C PRO A 246 0.49 -12.04 -15.96
N SER A 247 0.65 -12.72 -17.10
CA SER A 247 0.95 -12.02 -18.35
C SER A 247 -0.24 -11.18 -18.84
N GLN A 248 -1.44 -11.47 -18.33
CA GLN A 248 -2.67 -10.71 -18.62
C GLN A 248 -2.80 -9.44 -17.77
N ARG A 249 -2.01 -9.34 -16.71
CA ARG A 249 -2.03 -8.13 -15.89
C ARG A 249 -1.28 -7.01 -16.58
N PRO A 250 -1.76 -5.78 -16.43
CA PRO A 250 -0.99 -4.67 -16.96
C PRO A 250 0.29 -4.49 -16.18
N SER A 251 1.25 -3.83 -16.79
CA SER A 251 2.44 -3.38 -16.09
C SER A 251 2.05 -2.19 -15.24
N MET A 252 2.86 -1.96 -14.21
CA MET A 252 2.69 -0.85 -13.30
C MET A 252 2.81 0.45 -14.09
N GLU A 253 3.77 0.52 -15.02
CA GLU A 253 3.92 1.73 -15.84
C GLU A 253 2.61 2.07 -16.55
N GLU A 254 1.92 1.05 -17.06
CA GLU A 254 0.63 1.28 -17.66
C GLU A 254 -0.41 1.71 -16.64
N ILE A 255 -0.43 1.08 -15.46
CA ILE A 255 -1.37 1.51 -14.42
C ILE A 255 -1.16 2.97 -14.05
N VAL A 256 0.10 3.38 -13.90
CA VAL A 256 0.39 4.78 -13.61
C VAL A 256 -0.18 5.70 -14.65
N LYS A 257 -0.02 5.34 -15.91
CA LYS A 257 -0.42 6.22 -16.99
C LYS A 257 -1.94 6.34 -16.96
N ILE A 258 -2.63 5.20 -16.94
CA ILE A 258 -4.08 5.17 -16.84
C ILE A 258 -4.58 6.01 -15.67
N MET A 259 -4.01 5.77 -14.48
CA MET A 259 -4.49 6.40 -13.28
C MET A 259 -4.25 7.91 -13.29
N THR A 260 -3.10 8.30 -13.80
CA THR A 260 -2.83 9.72 -14.06
C THR A 260 -3.94 10.33 -14.90
N HIS A 261 -4.35 9.63 -15.95
CA HIS A 261 -5.41 10.11 -16.81
C HIS A 261 -6.72 10.23 -16.07
N LEU A 262 -7.13 9.21 -15.34
CA LEU A 262 -8.42 9.26 -14.62
C LEU A 262 -8.52 10.36 -13.58
N MET A 263 -7.39 10.75 -12.99
CA MET A 263 -7.36 11.80 -11.98
C MET A 263 -7.93 13.13 -12.46
N ARG A 264 -8.02 13.31 -13.76
CA ARG A 264 -8.72 14.46 -14.33
C ARG A 264 -10.11 14.56 -13.78
N TYR A 265 -10.71 13.40 -13.54
CA TYR A 265 -12.10 13.30 -13.11
C TYR A 265 -12.25 13.14 -11.57
N PHE A 266 -11.14 13.31 -10.85
CA PHE A 266 -11.12 13.18 -9.40
C PHE A 266 -10.35 14.36 -8.79
N PRO A 267 -10.92 15.56 -8.89
CA PRO A 267 -10.29 16.67 -8.21
C PRO A 267 -10.45 16.60 -6.68
N GLY A 268 -9.62 17.29 -5.93
CA GLY A 268 -9.76 17.37 -4.48
C GLY A 268 -8.85 16.46 -3.67
N ALA A 269 -7.94 15.76 -4.34
CA ALA A 269 -7.04 14.84 -3.68
C ALA A 269 -5.99 15.53 -2.77
N ASP A 270 -5.86 16.84 -2.91
CA ASP A 270 -4.96 17.67 -2.10
C ASP A 270 -5.58 18.09 -0.77
N GLU A 271 -6.83 17.71 -0.53
CA GLU A 271 -7.54 18.07 0.70
C GLU A 271 -7.21 17.15 1.86
N PRO A 272 -6.70 17.69 2.98
CA PRO A 272 -6.36 16.81 4.11
C PRO A 272 -7.57 16.17 4.77
N LEU A 273 -7.38 14.96 5.28
CA LEU A 273 -8.43 14.23 5.99
C LEU A 273 -8.73 14.97 7.28
N GLN A 274 -9.94 15.46 7.47
CA GLN A 274 -10.21 16.22 8.69
C GLN A 274 -11.58 16.04 9.27
N TYR A 275 -12.41 15.21 8.67
CA TYR A 275 -13.78 15.04 9.10
C TYR A 275 -13.97 13.65 9.65
N PRO A 276 -14.66 13.52 10.78
CA PRO A 276 -14.81 12.17 11.29
C PRO A 276 -15.96 11.52 10.57
N CYS A 277 -16.13 10.25 10.84
CA CYS A 277 -16.95 9.41 10.00
C CYS A 277 -17.44 8.30 10.89
N GLN A 278 -18.72 7.98 10.78
CA GLN A 278 -19.29 6.91 11.59
C GLN A 278 -20.14 6.05 10.68
N HIS A 279 -19.62 5.78 9.49
CA HIS A 279 -20.29 4.95 8.50
C HIS A 279 -20.47 3.54 9.07
N SER A 280 -21.66 2.98 8.85
CA SER A 280 -21.90 1.56 9.07
C SER A 280 -21.40 0.80 7.85
N LEU A 281 -21.35 -0.53 7.97
CA LEU A 281 -20.91 -1.40 6.87
C LEU A 281 -22.11 -2.18 6.30
N PRO A 282 -22.87 -1.59 5.35
CA PRO A 282 -24.09 -2.23 4.86
C PRO A 282 -23.82 -3.41 3.90
N PRO A 283 -24.06 -4.66 4.34
CA PRO A 283 -23.70 -5.81 3.49
C PRO A 283 -24.57 -5.93 2.24
N GLY A 284 -23.94 -6.05 1.07
CA GLY A 284 -24.65 -6.15 -0.20
C GLY A 284 -25.35 -7.48 -0.36
N GLU A 285 -26.03 -7.66 -1.49
CA GLU A 285 -26.75 -8.89 -1.80
C GLU A 285 -25.99 -10.15 -1.33
N ASP A 286 -24.68 -10.13 -1.56
CA ASP A 286 -23.75 -11.25 -1.38
C ASP A 286 -22.94 -11.35 -2.66
N GLY A 287 -23.53 -10.92 -3.78
CA GLY A 287 -22.83 -10.82 -5.06
C GLY A 287 -22.05 -9.51 -5.21
N ARG A 288 -22.74 -8.38 -5.07
CA ARG A 288 -22.14 -7.07 -5.25
C ARG A 288 -22.19 -6.27 -3.95
N VAL A 289 -21.23 -5.36 -3.79
CA VAL A 289 -21.17 -4.46 -2.64
C VAL A 289 -21.25 -3.02 -3.08
N GLU A 290 -21.64 -2.13 -2.18
CA GLU A 290 -21.65 -0.69 -2.44
C GLU A 290 -20.25 -0.10 -2.19
N PRO A 291 -19.87 0.89 -2.99
CA PRO A 291 -18.65 1.60 -2.65
C PRO A 291 -18.87 2.46 -1.43
N TYR A 292 -17.76 2.80 -0.76
CA TYR A 292 -17.76 3.77 0.30
C TYR A 292 -17.70 5.17 -0.33
N VAL A 293 -16.83 5.32 -1.33
CA VAL A 293 -16.72 6.59 -2.04
C VAL A 293 -17.87 6.78 -3.02
N ASP A 294 -18.06 8.02 -3.45
CA ASP A 294 -19.16 8.39 -4.33
C ASP A 294 -18.60 8.79 -5.73
N PHE A 295 -19.09 8.14 -6.78
CA PHE A 295 -18.62 8.41 -8.15
C PHE A 295 -19.50 9.37 -8.92
N ALA A 296 -20.52 9.94 -8.28
CA ALA A 296 -21.42 10.90 -8.94
C ALA A 296 -20.63 12.00 -9.61
N GLU A 297 -19.69 12.61 -8.88
CA GLU A 297 -18.89 13.71 -9.44
C GLU A 297 -17.98 13.24 -10.60
N PHE A 298 -17.39 12.06 -10.49
CA PHE A 298 -16.73 11.46 -11.66
C PHE A 298 -17.65 11.36 -12.91
N TYR A 299 -18.85 10.79 -12.75
CA TYR A 299 -19.73 10.62 -13.93
C TYR A 299 -20.12 11.98 -14.53
N ARG A 300 -20.25 13.00 -13.70
CA ARG A 300 -20.64 14.33 -14.18
C ARG A 300 -19.49 14.97 -14.95
N LEU A 301 -18.29 14.99 -14.35
CA LEU A 301 -17.08 15.54 -15.00
C LEU A 301 -16.74 14.83 -16.29
N TRP A 302 -16.90 13.52 -16.27
CA TRP A 302 -16.72 12.70 -17.46
C TRP A 302 -17.69 13.08 -18.56
N SER A 303 -18.96 13.34 -18.22
CA SER A 303 -19.95 13.77 -19.22
C SER A 303 -19.57 15.06 -19.92
N VAL A 304 -18.98 16.00 -19.18
CA VAL A 304 -18.62 17.27 -19.76
C VAL A 304 -17.57 17.10 -20.88
N ASP A 305 -16.64 16.15 -20.71
CA ASP A 305 -15.64 15.82 -21.74
C ASP A 305 -16.16 14.95 -22.86
N HIS A 306 -17.04 14.00 -22.55
CA HIS A 306 -17.46 12.99 -23.52
C HIS A 306 -18.94 13.20 -23.88
N GLY A 307 -19.79 12.23 -23.55
CA GLY A 307 -21.25 12.39 -23.70
C GLY A 307 -21.94 12.43 -22.34
#